data_7VKM
#
_entry.id   7VKM
#
_cell.length_a   105.423
_cell.length_b   105.423
_cell.length_c   203.741
_cell.angle_alpha   90.00
_cell.angle_beta   90.00
_cell.angle_gamma   120.00
#
_symmetry.space_group_name_H-M   'H 3 2'
#
loop_
_entity.id
_entity.type
_entity.pdbx_description
1 polymer 'Tyrosine-protein kinase receptor'
2 water water
#
_entity_poly.entity_id   1
_entity_poly.type   'polypeptide(L)'
_entity_poly.pdbx_seq_one_letter_code
;MSYYHHHHHHDYDIPTTENLYFQGAMGSGIRVHHIKRRDIVLKWELGEGAFGKVFLAECHNLLPEQDKMLVAVKALKEAS
ESARQDFQREAELLTMLQHQHIVRFFGVCTEGRPLLMVFEYMRHRDLNRFLRSHGPDAKLLAGGEDVAPGPLGLGQLLAV
ASQVAAGMVYLAGLHFVHRDLATRNCLVGQGLVVKIGDFGMSRDIYSTDYYRVGGRTMLPIRWMPPESILYRKFTTESDV
WSFGVVLWEIFTYGKQPWYQLSNTEAIDCITQGRELERPRACPPEVYAIMRGCWQREPQQRHSIKDVHARLQALAQAPPV
YLDVLG
;
_entity_poly.pdbx_strand_id   A
#
# COMPACT_ATOMS: atom_id res chain seq x y z
N MET A 26 22.51 -13.40 18.53
CA MET A 26 23.86 -12.76 18.64
C MET A 26 23.79 -11.52 19.57
N GLY A 27 22.97 -10.53 19.18
CA GLY A 27 22.88 -9.19 19.81
C GLY A 27 21.50 -8.58 19.59
N SER A 28 21.03 -7.79 20.55
CA SER A 28 19.61 -7.38 20.71
C SER A 28 18.99 -6.99 19.36
N GLY A 29 19.53 -6.01 18.63
CA GLY A 29 19.06 -5.69 17.27
C GLY A 29 18.76 -4.22 17.07
N ILE A 30 17.88 -3.90 16.10
CA ILE A 30 17.64 -2.51 15.63
C ILE A 30 16.98 -1.72 16.75
N ARG A 31 17.41 -0.47 16.94
CA ARG A 31 17.00 0.37 18.09
C ARG A 31 15.95 1.38 17.59
N VAL A 32 14.78 1.36 18.22
CA VAL A 32 13.63 2.21 17.87
C VAL A 32 13.81 3.57 18.55
N HIS A 33 13.96 4.64 17.76
CA HIS A 33 13.86 6.06 18.22
C HIS A 33 12.59 6.17 19.10
N HIS A 34 12.72 6.58 20.37
CA HIS A 34 11.55 6.84 21.25
C HIS A 34 11.22 8.33 21.21
N ILE A 35 9.94 8.68 21.42
CA ILE A 35 9.41 10.06 21.29
C ILE A 35 8.72 10.46 22.59
N LYS A 36 9.05 11.64 23.11
CA LYS A 36 8.41 12.14 24.36
C LYS A 36 6.92 12.36 24.06
N ARG A 37 6.04 11.81 24.90
CA ARG A 37 4.58 12.02 24.84
C ARG A 37 4.26 13.52 24.75
N ARG A 38 5.02 14.36 25.45
CA ARG A 38 4.79 15.83 25.51
C ARG A 38 5.14 16.48 24.17
N ASP A 39 5.90 15.80 23.30
CA ASP A 39 6.31 16.35 21.98
C ASP A 39 5.30 15.94 20.91
N ILE A 40 4.15 15.42 21.31
CA ILE A 40 3.08 14.91 20.39
C ILE A 40 1.77 15.53 20.84
N VAL A 41 1.15 16.34 19.98
CA VAL A 41 -0.21 16.91 20.21
C VAL A 41 -1.18 16.27 19.22
N LEU A 42 -2.06 15.40 19.70
CA LEU A 42 -3.15 14.83 18.87
C LEU A 42 -4.08 15.96 18.43
N LYS A 43 -4.55 15.93 17.18
CA LYS A 43 -5.51 16.94 16.66
C LYS A 43 -6.89 16.28 16.51
N TRP A 44 -7.01 15.16 15.81
CA TRP A 44 -8.30 14.48 15.52
C TRP A 44 -8.03 13.10 14.89
N GLU A 45 -8.96 12.15 15.01
CA GLU A 45 -8.80 10.83 14.35
C GLU A 45 -8.92 11.01 12.82
N LEU A 46 -8.11 10.27 12.09
CA LEU A 46 -8.17 10.11 10.62
C LEU A 46 -8.90 8.80 10.34
N GLY A 47 -8.69 7.79 11.17
CA GLY A 47 -9.23 6.44 10.99
C GLY A 47 -9.37 5.72 12.30
N GLU A 48 -10.21 4.69 12.32
CA GLU A 48 -10.54 3.89 13.52
C GLU A 48 -10.89 2.47 13.04
N GLY A 49 -10.48 1.48 13.83
CA GLY A 49 -10.63 0.05 13.51
C GLY A 49 -10.88 -0.73 14.78
N ALA A 50 -10.87 -2.06 14.69
CA ALA A 50 -11.18 -2.95 15.83
C ALA A 50 -10.06 -2.80 16.85
N PHE A 51 -8.79 -2.86 16.44
CA PHE A 51 -7.60 -2.93 17.33
C PHE A 51 -6.70 -1.69 17.19
N GLY A 52 -7.18 -0.60 16.58
CA GLY A 52 -6.32 0.58 16.31
C GLY A 52 -7.10 1.88 16.23
N LYS A 53 -6.38 2.99 16.25
CA LYS A 53 -6.91 4.35 15.95
C LYS A 53 -5.77 5.12 15.32
N VAL A 54 -6.02 5.91 14.27
CA VAL A 54 -4.98 6.76 13.63
C VAL A 54 -5.43 8.19 13.78
N PHE A 55 -4.50 9.06 14.14
CA PHE A 55 -4.69 10.49 14.49
C PHE A 55 -3.79 11.33 13.58
N LEU A 56 -4.24 12.54 13.25
CA LEU A 56 -3.32 13.58 12.76
C LEU A 56 -2.78 14.28 14.02
N ALA A 57 -1.50 14.65 14.02
CA ALA A 57 -0.83 15.21 15.21
C ALA A 57 0.29 16.15 14.79
N GLU A 58 0.62 17.09 15.67
CA GLU A 58 1.86 17.92 15.59
C GLU A 58 2.92 17.18 16.38
N CYS A 59 4.17 17.23 15.94
CA CYS A 59 5.31 16.61 16.66
C CYS A 59 6.41 17.66 16.87
N HIS A 60 6.55 18.13 18.11
CA HIS A 60 7.54 19.16 18.51
C HIS A 60 8.93 18.50 18.52
N ASN A 61 9.94 19.23 18.05
CA ASN A 61 11.37 18.87 18.22
C ASN A 61 11.58 17.42 17.77
N LEU A 62 11.00 17.06 16.62
CA LEU A 62 11.19 15.72 15.99
C LEU A 62 12.42 15.81 15.09
N LEU A 63 12.36 16.70 14.11
CA LEU A 63 13.50 17.01 13.19
C LEU A 63 14.06 18.39 13.55
N PRO A 64 15.38 18.60 13.33
CA PRO A 64 16.02 19.86 13.69
C PRO A 64 15.30 21.07 13.07
N GLU A 65 15.08 21.02 11.77
CA GLU A 65 14.70 22.18 10.91
C GLU A 65 13.34 22.75 11.33
N GLN A 66 12.36 21.91 11.69
CA GLN A 66 11.01 22.38 12.11
C GLN A 66 10.87 22.20 13.63
N ASP A 67 10.43 23.24 14.34
CA ASP A 67 10.07 23.15 15.78
C ASP A 67 8.92 22.15 15.90
N LYS A 68 7.85 22.37 15.12
CA LYS A 68 6.70 21.43 15.00
C LYS A 68 6.48 21.07 13.52
N MET A 69 5.83 19.93 13.26
CA MET A 69 5.43 19.44 11.91
C MET A 69 4.32 18.40 12.06
N LEU A 70 3.56 18.19 10.97
CA LEU A 70 2.36 17.30 10.98
C LEU A 70 2.84 15.84 10.89
N VAL A 71 2.22 14.95 11.64
CA VAL A 71 2.54 13.51 11.58
C VAL A 71 1.24 12.70 11.66
N ALA A 72 1.35 11.44 11.25
CA ALA A 72 0.31 10.44 11.44
C ALA A 72 0.77 9.57 12.58
N VAL A 73 -0.07 9.47 13.62
CA VAL A 73 0.20 8.74 14.87
C VAL A 73 -0.79 7.58 14.98
N LYS A 74 -0.31 6.34 15.01
CA LYS A 74 -1.17 5.18 15.35
C LYS A 74 -1.21 4.99 16.86
N ALA A 75 -2.39 4.76 17.42
CA ALA A 75 -2.61 4.44 18.83
C ALA A 75 -3.16 3.01 18.89
N LEU A 76 -2.40 2.10 19.50
CA LEU A 76 -2.88 0.73 19.82
C LEU A 76 -3.98 0.85 20.86
N LYS A 77 -5.04 0.05 20.72
CA LYS A 77 -6.25 0.15 21.58
C LYS A 77 -5.98 -0.50 22.95
N GLU A 78 -5.37 -1.69 22.99
N GLU A 78 -5.35 -1.67 22.95
CA GLU A 78 -5.05 -2.41 24.24
CA GLU A 78 -5.03 -2.53 24.13
C GLU A 78 -3.54 -2.59 24.36
C GLU A 78 -3.51 -2.53 24.36
N ALA A 79 -3.06 -2.70 25.61
CA ALA A 79 -1.62 -2.72 25.97
C ALA A 79 -1.23 -4.04 26.65
N SER A 80 -1.90 -5.14 26.25
CA SER A 80 -1.59 -6.52 26.73
C SER A 80 -0.17 -6.89 26.29
N GLU A 81 0.43 -7.89 26.95
CA GLU A 81 1.86 -8.28 26.79
C GLU A 81 2.09 -8.93 25.41
N SER A 82 1.04 -9.50 24.79
CA SER A 82 1.04 -10.05 23.41
C SER A 82 1.10 -8.90 22.38
N ALA A 83 0.35 -7.83 22.63
CA ALA A 83 0.34 -6.58 21.82
C ALA A 83 1.68 -5.85 22.02
N ARG A 84 2.20 -5.81 23.25
CA ARG A 84 3.47 -5.11 23.59
C ARG A 84 4.63 -5.77 22.82
N GLN A 85 4.67 -7.10 22.79
CA GLN A 85 5.73 -7.88 22.11
C GLN A 85 5.66 -7.59 20.61
N ASP A 86 4.49 -7.87 19.99
CA ASP A 86 4.20 -7.62 18.55
C ASP A 86 4.60 -6.19 18.17
N PHE A 87 4.08 -5.22 18.93
CA PHE A 87 4.32 -3.77 18.75
C PHE A 87 5.81 -3.50 18.60
N GLN A 88 6.62 -3.94 19.57
CA GLN A 88 8.09 -3.74 19.58
C GLN A 88 8.68 -4.39 18.32
N ARG A 89 8.17 -5.56 17.95
CA ARG A 89 8.66 -6.31 16.76
C ARG A 89 8.30 -5.49 15.52
N GLU A 90 7.04 -5.06 15.39
CA GLU A 90 6.57 -4.18 14.29
C GLU A 90 7.48 -2.95 14.17
N ALA A 91 7.82 -2.32 15.31
CA ALA A 91 8.51 -1.02 15.36
C ALA A 91 9.96 -1.20 14.92
N GLU A 92 10.61 -2.24 15.46
CA GLU A 92 11.98 -2.69 15.09
C GLU A 92 12.02 -2.85 13.56
N LEU A 93 11.04 -3.58 13.01
CA LEU A 93 10.93 -3.88 11.55
C LEU A 93 10.76 -2.56 10.80
N LEU A 94 9.79 -1.73 11.21
CA LEU A 94 9.51 -0.43 10.55
C LEU A 94 10.72 0.49 10.61
N THR A 95 11.47 0.47 11.72
CA THR A 95 12.70 1.29 11.92
C THR A 95 13.76 0.84 10.92
N MET A 96 13.83 -0.46 10.69
CA MET A 96 14.82 -1.08 9.78
C MET A 96 14.61 -0.59 8.34
N LEU A 97 13.36 -0.56 7.87
CA LEU A 97 13.05 -0.15 6.47
C LEU A 97 13.20 1.37 6.36
N GLN A 98 14.10 1.83 5.50
CA GLN A 98 14.26 3.25 5.10
C GLN A 98 14.45 3.26 3.59
N HIS A 99 13.58 3.96 2.87
CA HIS A 99 13.61 4.08 1.40
C HIS A 99 12.70 5.23 0.99
N GLN A 100 12.98 5.80 -0.17
CA GLN A 100 12.27 6.98 -0.72
C GLN A 100 10.80 6.63 -1.01
N HIS A 101 10.49 5.35 -1.25
CA HIS A 101 9.12 4.89 -1.59
C HIS A 101 8.60 3.94 -0.51
N ILE A 102 9.13 4.04 0.71
CA ILE A 102 8.55 3.39 1.92
C ILE A 102 8.17 4.47 2.93
N VAL A 103 6.94 4.47 3.41
CA VAL A 103 6.46 5.49 4.37
C VAL A 103 7.52 5.69 5.46
N ARG A 104 7.86 6.95 5.77
CA ARG A 104 8.87 7.30 6.80
C ARG A 104 8.28 6.94 8.16
N PHE A 105 9.00 6.15 8.95
CA PHE A 105 8.68 5.85 10.37
C PHE A 105 9.60 6.69 11.26
N PHE A 106 9.10 7.20 12.39
CA PHE A 106 9.82 8.24 13.18
C PHE A 106 10.15 7.71 14.57
N GLY A 107 9.33 6.82 15.10
CA GLY A 107 9.60 6.20 16.40
C GLY A 107 8.30 5.82 17.07
N VAL A 108 8.37 5.53 18.36
CA VAL A 108 7.21 5.11 19.19
C VAL A 108 7.17 6.02 20.40
N CYS A 109 6.18 5.79 21.25
CA CYS A 109 6.04 6.38 22.59
C CYS A 109 5.38 5.33 23.48
N THR A 110 6.17 4.73 24.37
CA THR A 110 5.77 3.61 25.27
C THR A 110 5.53 4.15 26.69
N GLU A 111 5.79 5.44 26.90
CA GLU A 111 5.72 6.11 28.22
C GLU A 111 4.25 6.42 28.56
N GLY A 112 3.54 5.42 29.07
CA GLY A 112 2.12 5.50 29.45
C GLY A 112 1.23 5.14 28.28
N ARG A 113 0.00 4.69 28.55
CA ARG A 113 -0.91 4.13 27.52
C ARG A 113 -1.67 5.26 26.83
N PRO A 114 -2.17 5.08 25.58
CA PRO A 114 -1.94 3.86 24.81
C PRO A 114 -0.57 3.89 24.13
N LEU A 115 -0.10 2.76 23.63
CA LEU A 115 1.14 2.70 22.82
C LEU A 115 0.91 3.43 21.50
N LEU A 116 1.87 4.25 21.07
CA LEU A 116 1.77 5.06 19.84
C LEU A 116 2.93 4.69 18.90
N MET A 117 2.65 4.64 17.59
CA MET A 117 3.64 4.65 16.48
C MET A 117 3.40 5.93 15.68
N VAL A 118 4.47 6.54 15.18
CA VAL A 118 4.34 7.83 14.48
C VAL A 118 5.09 7.75 13.15
N PHE A 119 4.40 8.19 12.09
CA PHE A 119 4.82 8.13 10.68
C PHE A 119 4.72 9.53 10.11
N GLU A 120 5.33 9.79 8.95
CA GLU A 120 5.05 11.03 8.18
C GLU A 120 3.55 11.01 7.85
N TYR A 121 2.97 12.20 7.73
CA TYR A 121 1.58 12.42 7.29
C TYR A 121 1.62 12.51 5.77
N MET A 122 0.74 11.77 5.11
CA MET A 122 0.61 11.84 3.63
C MET A 122 -0.78 12.37 3.35
N ARG A 123 -0.86 13.58 2.81
CA ARG A 123 -2.12 14.38 2.77
C ARG A 123 -3.16 13.78 1.83
N HIS A 124 -2.78 12.99 0.82
CA HIS A 124 -3.75 12.37 -0.14
C HIS A 124 -4.21 10.99 0.33
N ARG A 125 -3.72 10.53 1.48
CA ARG A 125 -4.25 9.31 2.14
C ARG A 125 -3.84 8.08 1.32
N ASP A 126 -4.59 6.97 1.42
CA ASP A 126 -4.14 5.72 0.77
C ASP A 126 -4.41 5.86 -0.73
N LEU A 127 -3.55 5.25 -1.52
CA LEU A 127 -3.62 5.32 -3.00
C LEU A 127 -5.00 4.89 -3.52
N ASN A 128 -5.73 4.02 -2.81
CA ASN A 128 -7.04 3.57 -3.34
C ASN A 128 -8.04 4.72 -3.23
N ARG A 129 -8.01 5.42 -2.12
CA ARG A 129 -8.95 6.52 -1.82
C ARG A 129 -8.62 7.64 -2.81
N PHE A 130 -7.34 7.87 -3.05
CA PHE A 130 -6.84 8.91 -4.00
C PHE A 130 -7.30 8.59 -5.43
N LEU A 131 -7.18 7.34 -5.88
CA LEU A 131 -7.54 6.95 -7.27
C LEU A 131 -9.05 7.13 -7.42
N ARG A 132 -9.84 6.67 -6.46
CA ARG A 132 -11.32 6.76 -6.57
C ARG A 132 -11.71 8.24 -6.66
N SER A 133 -10.97 9.14 -6.01
CA SER A 133 -11.28 10.59 -5.99
C SER A 133 -10.91 11.26 -7.33
N HIS A 134 -10.10 10.62 -8.17
CA HIS A 134 -9.75 11.09 -9.54
C HIS A 134 -10.35 10.17 -10.61
N GLY A 135 -11.37 9.40 -10.28
CA GLY A 135 -12.03 8.47 -11.22
C GLY A 135 -12.97 9.23 -12.15
N PRO A 136 -13.48 8.56 -13.21
CA PRO A 136 -14.60 9.11 -13.98
C PRO A 136 -15.89 9.18 -13.15
N ASP A 137 -16.06 8.29 -12.17
CA ASP A 137 -17.33 8.10 -11.40
C ASP A 137 -17.31 8.92 -10.09
N ALA A 138 -16.30 9.76 -9.87
CA ALA A 138 -16.07 10.46 -8.59
C ALA A 138 -17.28 11.34 -8.22
N LYS A 139 -17.77 11.17 -6.98
CA LYS A 139 -19.03 11.75 -6.41
C LYS A 139 -18.94 13.27 -6.34
N LEU A 140 -17.79 13.80 -5.91
CA LEU A 140 -17.47 15.26 -5.86
C LEU A 140 -16.28 15.47 -6.80
N LEU A 141 -15.73 16.69 -6.86
CA LEU A 141 -14.44 16.95 -7.55
C LEU A 141 -13.36 17.03 -6.48
N ALA A 142 -12.13 16.60 -6.80
CA ALA A 142 -10.97 16.61 -5.88
C ALA A 142 -10.58 18.06 -5.56
N GLY A 143 -10.49 18.41 -4.26
CA GLY A 143 -10.15 19.76 -3.74
C GLY A 143 -9.19 20.51 -4.66
N GLY A 144 -8.00 19.93 -4.89
CA GLY A 144 -7.24 20.10 -6.13
C GLY A 144 -6.43 21.38 -6.19
N GLU A 145 -5.69 21.70 -5.12
CA GLU A 145 -4.58 22.69 -5.18
C GLU A 145 -3.28 21.98 -5.56
N ASP A 146 -3.16 20.69 -5.24
CA ASP A 146 -1.94 19.87 -5.45
C ASP A 146 -1.98 19.18 -6.83
N VAL A 147 -3.16 18.80 -7.33
CA VAL A 147 -3.38 17.94 -8.53
C VAL A 147 -4.67 18.39 -9.23
N ALA A 148 -4.72 18.35 -10.55
CA ALA A 148 -5.98 18.61 -11.30
C ALA A 148 -7.04 17.63 -10.83
N PRO A 149 -8.27 18.11 -10.52
CA PRO A 149 -9.39 17.21 -10.27
C PRO A 149 -9.67 16.43 -11.55
N GLY A 150 -10.50 15.40 -11.46
CA GLY A 150 -10.86 14.57 -12.61
C GLY A 150 -9.77 13.56 -12.92
N PRO A 151 -9.99 12.73 -13.96
CA PRO A 151 -9.04 11.69 -14.31
C PRO A 151 -7.61 12.21 -14.38
N LEU A 152 -6.66 11.32 -14.14
CA LEU A 152 -5.21 11.64 -14.06
C LEU A 152 -4.64 11.49 -15.44
N GLY A 153 -3.49 12.10 -15.70
CA GLY A 153 -2.79 11.89 -16.99
C GLY A 153 -2.16 10.51 -17.02
N LEU A 154 -2.25 9.82 -18.17
CA LEU A 154 -1.49 8.56 -18.40
C LEU A 154 -0.10 8.67 -17.75
N GLY A 155 0.58 9.79 -17.92
CA GLY A 155 1.94 9.98 -17.38
C GLY A 155 1.95 9.97 -15.87
N GLN A 156 0.83 10.39 -15.27
CA GLN A 156 0.65 10.40 -13.79
C GLN A 156 0.42 8.97 -13.29
N LEU A 157 -0.54 8.26 -13.90
CA LEU A 157 -0.80 6.82 -13.63
C LEU A 157 0.54 6.07 -13.67
N LEU A 158 1.35 6.27 -14.71
CA LEU A 158 2.62 5.54 -14.85
C LEU A 158 3.61 6.01 -13.78
N ALA A 159 3.50 7.25 -13.30
CA ALA A 159 4.36 7.75 -12.19
C ALA A 159 3.98 7.04 -10.87
N VAL A 160 2.67 6.90 -10.62
CA VAL A 160 2.14 6.14 -9.45
C VAL A 160 2.75 4.73 -9.50
N ALA A 161 2.46 4.00 -10.58
CA ALA A 161 2.84 2.59 -10.77
C ALA A 161 4.36 2.45 -10.63
N SER A 162 5.13 3.41 -11.11
CA SER A 162 6.61 3.33 -11.12
C SER A 162 7.12 3.44 -9.69
N GLN A 163 6.51 4.30 -8.87
CA GLN A 163 6.96 4.56 -7.48
C GLN A 163 6.63 3.33 -6.61
N VAL A 164 5.50 2.67 -6.83
CA VAL A 164 5.19 1.44 -6.04
C VAL A 164 6.25 0.38 -6.38
N ALA A 165 6.43 0.10 -7.67
CA ALA A 165 7.50 -0.79 -8.17
C ALA A 165 8.82 -0.41 -7.49
N ALA A 166 9.19 0.87 -7.38
CA ALA A 166 10.48 1.22 -6.74
C ALA A 166 10.52 0.74 -5.29
N GLY A 167 9.46 0.99 -4.51
CA GLY A 167 9.37 0.52 -3.11
C GLY A 167 9.49 -1.00 -3.02
N MET A 168 8.97 -1.68 -4.03
CA MET A 168 9.00 -3.16 -4.10
C MET A 168 10.41 -3.70 -4.32
N VAL A 169 11.13 -3.06 -5.25
CA VAL A 169 12.52 -3.40 -5.65
C VAL A 169 13.36 -3.38 -4.38
N TYR A 170 13.17 -2.37 -3.54
CA TYR A 170 13.84 -2.25 -2.23
C TYR A 170 13.41 -3.39 -1.32
N LEU A 171 12.11 -3.68 -1.21
CA LEU A 171 11.64 -4.76 -0.29
C LEU A 171 12.21 -6.10 -0.76
N ALA A 172 12.16 -6.38 -2.07
CA ALA A 172 12.68 -7.64 -2.65
C ALA A 172 14.20 -7.73 -2.40
N GLY A 173 14.93 -6.64 -2.65
CA GLY A 173 16.35 -6.49 -2.26
C GLY A 173 16.66 -7.11 -0.91
N LEU A 174 15.79 -6.91 0.10
CA LEU A 174 16.05 -7.27 1.52
C LEU A 174 15.37 -8.61 1.87
N HIS A 175 14.87 -9.33 0.88
CA HIS A 175 14.10 -10.60 1.04
C HIS A 175 12.90 -10.37 1.97
N PHE A 176 12.29 -9.18 1.94
CA PHE A 176 11.03 -8.85 2.66
C PHE A 176 9.83 -9.16 1.77
N VAL A 177 8.89 -9.95 2.27
CA VAL A 177 7.65 -10.36 1.55
C VAL A 177 6.48 -9.64 2.21
N HIS A 178 5.75 -8.81 1.45
CA HIS A 178 4.66 -7.93 1.97
C HIS A 178 3.42 -8.77 2.31
N ARG A 179 2.91 -9.56 1.36
CA ARG A 179 1.77 -10.50 1.54
C ARG A 179 0.44 -9.79 1.37
N ASP A 180 0.37 -8.46 1.56
CA ASP A 180 -0.91 -7.72 1.35
C ASP A 180 -0.67 -6.48 0.46
N LEU A 181 0.00 -6.65 -0.67
CA LEU A 181 0.26 -5.50 -1.57
C LEU A 181 -1.00 -5.16 -2.41
N ALA A 182 -1.38 -3.88 -2.41
CA ALA A 182 -2.68 -3.38 -2.89
C ALA A 182 -2.71 -1.86 -2.70
N THR A 183 -3.55 -1.12 -3.43
CA THR A 183 -3.48 0.37 -3.38
C THR A 183 -3.95 0.88 -1.99
N ARG A 184 -4.87 0.17 -1.31
CA ARG A 184 -5.24 0.45 0.09
C ARG A 184 -3.98 0.56 0.96
N ASN A 185 -2.92 -0.20 0.65
CA ASN A 185 -1.71 -0.33 1.49
C ASN A 185 -0.56 0.52 0.91
N CYS A 186 -0.89 1.48 0.06
CA CYS A 186 0.04 2.51 -0.45
C CYS A 186 -0.50 3.86 0.01
N LEU A 187 0.37 4.86 0.18
CA LEU A 187 -0.01 6.22 0.64
C LEU A 187 0.45 7.28 -0.38
N VAL A 188 -0.28 8.39 -0.47
CA VAL A 188 0.05 9.45 -1.46
C VAL A 188 0.30 10.75 -0.71
N GLY A 189 1.43 11.40 -1.00
CA GLY A 189 1.87 12.65 -0.35
C GLY A 189 1.91 13.84 -1.31
N GLN A 190 2.22 15.02 -0.77
CA GLN A 190 2.39 16.29 -1.51
C GLN A 190 3.25 16.05 -2.75
N GLY A 191 2.73 16.49 -3.90
CA GLY A 191 3.43 16.42 -5.19
C GLY A 191 3.21 15.07 -5.85
N LEU A 192 2.19 14.34 -5.40
CA LEU A 192 1.84 12.98 -5.87
C LEU A 192 3.06 12.06 -5.74
N VAL A 193 3.79 12.20 -4.63
CA VAL A 193 4.72 11.16 -4.10
C VAL A 193 3.88 9.97 -3.61
N VAL A 194 4.23 8.77 -4.07
CA VAL A 194 3.54 7.51 -3.74
C VAL A 194 4.55 6.61 -3.03
N LYS A 195 4.20 6.19 -1.82
CA LYS A 195 5.05 5.30 -0.99
C LYS A 195 4.20 4.10 -0.57
N ILE A 196 4.88 3.02 -0.20
CA ILE A 196 4.24 1.78 0.33
C ILE A 196 4.19 1.90 1.85
N GLY A 197 2.98 1.86 2.40
CA GLY A 197 2.78 1.72 3.85
C GLY A 197 1.31 1.81 4.21
N ASP A 198 0.99 1.40 5.45
CA ASP A 198 -0.38 1.41 6.00
C ASP A 198 -0.27 1.45 7.52
N PHE A 199 -1.39 1.56 8.21
CA PHE A 199 -1.39 1.71 9.69
C PHE A 199 -1.93 0.44 10.35
N GLY A 200 -2.15 -0.64 9.59
CA GLY A 200 -2.60 -1.96 10.08
C GLY A 200 -4.12 -2.10 10.15
N MET A 201 -4.88 -1.23 9.48
CA MET A 201 -6.36 -1.07 9.67
C MET A 201 -7.17 -1.39 8.40
N SER A 202 -6.51 -1.95 7.39
CA SER A 202 -7.07 -2.23 6.05
C SER A 202 -8.13 -3.33 6.16
N ARG A 203 -7.92 -4.30 7.06
CA ARG A 203 -8.89 -5.38 7.36
C ARG A 203 -10.20 -4.80 7.94
N ASP A 204 -10.17 -3.66 8.62
CA ASP A 204 -11.41 -2.95 9.04
C ASP A 204 -11.97 -2.06 7.94
N ILE A 205 -11.19 -1.06 7.51
CA ILE A 205 -11.68 0.03 6.59
C ILE A 205 -12.06 -0.58 5.22
N TYR A 206 -11.35 -1.60 4.77
CA TYR A 206 -11.52 -2.23 3.43
C TYR A 206 -11.78 -3.73 3.64
N SER A 207 -12.77 -4.07 4.46
CA SER A 207 -13.03 -5.45 4.93
C SER A 207 -13.50 -6.31 3.75
N THR A 208 -14.18 -5.74 2.75
CA THR A 208 -14.67 -6.51 1.57
C THR A 208 -13.49 -6.97 0.71
N ASP A 209 -12.29 -6.43 0.91
CA ASP A 209 -11.10 -6.84 0.13
C ASP A 209 -10.49 -8.14 0.70
N TYR A 210 -10.95 -8.61 1.84
CA TYR A 210 -10.45 -9.88 2.46
C TYR A 210 -11.55 -10.94 2.57
N TYR A 211 -11.13 -12.20 2.46
CA TYR A 211 -11.98 -13.40 2.58
C TYR A 211 -11.79 -13.99 3.97
N ARG A 212 -12.83 -14.06 4.79
CA ARG A 212 -12.72 -14.62 6.18
C ARG A 212 -12.54 -16.13 6.08
N VAL A 213 -11.32 -16.62 6.27
CA VAL A 213 -10.98 -18.06 6.14
C VAL A 213 -10.87 -18.64 7.55
N GLY A 214 -11.77 -19.58 7.88
CA GLY A 214 -11.96 -20.08 9.25
C GLY A 214 -12.06 -18.91 10.23
N GLY A 215 -11.23 -18.93 11.28
CA GLY A 215 -11.30 -17.98 12.40
C GLY A 215 -10.11 -17.03 12.43
N ARG A 216 -10.41 -15.72 12.39
CA ARG A 216 -9.43 -14.61 12.54
C ARG A 216 -8.19 -14.88 11.68
N THR A 217 -8.44 -15.30 10.43
CA THR A 217 -7.50 -15.19 9.29
C THR A 217 -8.27 -14.57 8.13
N MET A 218 -7.77 -13.44 7.63
CA MET A 218 -8.39 -12.69 6.52
C MET A 218 -7.38 -12.60 5.38
N LEU A 219 -7.81 -13.06 4.22
CA LEU A 219 -6.89 -13.13 3.07
C LEU A 219 -7.36 -12.22 1.96
N PRO A 220 -6.44 -11.47 1.34
CA PRO A 220 -6.76 -10.61 0.22
C PRO A 220 -6.60 -11.48 -1.02
N ILE A 221 -7.57 -12.36 -1.25
CA ILE A 221 -7.53 -13.42 -2.30
C ILE A 221 -7.53 -12.84 -3.71
N ARG A 222 -8.14 -11.69 -3.94
CA ARG A 222 -8.14 -11.09 -5.31
C ARG A 222 -6.75 -10.62 -5.72
N TRP A 223 -5.87 -10.31 -4.78
CA TRP A 223 -4.49 -9.87 -5.11
C TRP A 223 -3.53 -11.04 -4.97
N MET A 224 -4.02 -12.25 -4.73
CA MET A 224 -3.12 -13.39 -4.42
C MET A 224 -2.99 -14.23 -5.69
N PRO A 225 -1.80 -14.80 -5.94
CA PRO A 225 -1.62 -15.75 -7.02
C PRO A 225 -2.08 -17.17 -6.68
N PRO A 226 -2.15 -18.08 -7.67
CA PRO A 226 -2.63 -19.44 -7.42
C PRO A 226 -1.72 -20.22 -6.45
N GLU A 227 -0.40 -20.01 -6.45
CA GLU A 227 0.49 -20.74 -5.51
C GLU A 227 0.20 -20.30 -4.07
N SER A 228 -0.27 -19.08 -3.85
CA SER A 228 -0.57 -18.61 -2.48
C SER A 228 -1.94 -19.19 -2.06
N ILE A 229 -2.89 -19.25 -2.98
CA ILE A 229 -4.27 -19.73 -2.66
C ILE A 229 -4.23 -21.25 -2.44
N LEU A 230 -3.55 -21.97 -3.35
CA LEU A 230 -3.53 -23.46 -3.45
C LEU A 230 -2.53 -24.06 -2.45
N TYR A 231 -1.29 -23.55 -2.41
CA TYR A 231 -0.15 -24.16 -1.67
C TYR A 231 0.18 -23.37 -0.42
N ARG A 232 -0.54 -22.27 -0.16
CA ARG A 232 -0.23 -21.32 0.94
C ARG A 232 1.23 -20.84 0.86
N LYS A 233 1.83 -20.74 -0.33
CA LYS A 233 3.21 -20.19 -0.48
C LYS A 233 3.16 -18.68 -0.78
N PHE A 234 3.99 -17.91 -0.08
CA PHE A 234 4.20 -16.45 -0.28
C PHE A 234 5.70 -16.15 -0.44
N THR A 235 6.05 -15.56 -1.56
CA THR A 235 7.45 -15.23 -1.95
C THR A 235 7.51 -13.81 -2.51
N THR A 236 8.72 -13.30 -2.79
CA THR A 236 8.95 -12.05 -3.56
C THR A 236 8.18 -12.10 -4.88
N GLU A 237 8.00 -13.31 -5.43
CA GLU A 237 7.28 -13.59 -6.70
C GLU A 237 5.76 -13.54 -6.49
N SER A 238 5.25 -13.82 -5.28
CA SER A 238 3.81 -13.61 -4.96
C SER A 238 3.51 -12.10 -4.92
N ASP A 239 4.40 -11.31 -4.31
CA ASP A 239 4.37 -9.82 -4.32
C ASP A 239 4.28 -9.34 -5.79
N VAL A 240 5.07 -9.92 -6.71
CA VAL A 240 5.04 -9.46 -8.13
C VAL A 240 3.64 -9.70 -8.69
N TRP A 241 3.06 -10.86 -8.47
CA TRP A 241 1.68 -11.14 -8.93
C TRP A 241 0.80 -10.03 -8.38
N SER A 242 0.94 -9.71 -7.08
CA SER A 242 0.02 -8.77 -6.38
C SER A 242 0.13 -7.41 -7.09
N PHE A 243 1.37 -7.04 -7.39
CA PHE A 243 1.70 -5.75 -8.02
C PHE A 243 0.99 -5.61 -9.36
N GLY A 244 0.90 -6.72 -10.11
CA GLY A 244 0.10 -6.78 -11.34
C GLY A 244 -1.31 -6.32 -11.08
N VAL A 245 -1.90 -6.81 -9.99
CA VAL A 245 -3.29 -6.43 -9.62
C VAL A 245 -3.27 -4.96 -9.17
N VAL A 246 -2.22 -4.48 -8.53
CA VAL A 246 -2.12 -3.05 -8.15
C VAL A 246 -2.11 -2.18 -9.41
N LEU A 247 -1.40 -2.62 -10.45
CA LEU A 247 -1.40 -1.97 -11.80
C LEU A 247 -2.83 -1.92 -12.32
N TRP A 248 -3.50 -3.05 -12.39
CA TRP A 248 -4.94 -3.06 -12.76
C TRP A 248 -5.76 -2.06 -11.92
N GLU A 249 -5.55 -2.02 -10.60
CA GLU A 249 -6.24 -1.05 -9.69
C GLU A 249 -5.94 0.38 -10.15
N ILE A 250 -4.69 0.67 -10.46
CA ILE A 250 -4.28 2.05 -10.86
C ILE A 250 -5.05 2.45 -12.12
N PHE A 251 -5.12 1.56 -13.12
CA PHE A 251 -5.69 1.88 -14.45
C PHE A 251 -7.22 1.73 -14.48
N THR A 252 -7.85 1.43 -13.35
CA THR A 252 -9.34 1.37 -13.24
C THR A 252 -9.81 2.40 -12.22
N TYR A 253 -8.87 3.20 -11.70
CA TYR A 253 -9.13 4.27 -10.72
C TYR A 253 -9.68 3.63 -9.42
N GLY A 254 -9.05 2.53 -9.05
CA GLY A 254 -9.14 1.92 -7.69
C GLY A 254 -10.29 0.94 -7.57
N LYS A 255 -10.88 0.54 -8.69
CA LYS A 255 -11.93 -0.50 -8.72
C LYS A 255 -11.41 -1.77 -8.03
N GLN A 256 -12.31 -2.56 -7.43
CA GLN A 256 -11.95 -3.87 -6.85
C GLN A 256 -11.81 -4.88 -7.99
N PRO A 257 -10.70 -5.63 -8.05
CA PRO A 257 -10.60 -6.75 -8.97
C PRO A 257 -11.74 -7.75 -8.76
N TRP A 258 -12.36 -8.19 -9.85
CA TRP A 258 -13.42 -9.23 -9.93
C TRP A 258 -14.64 -8.75 -9.17
N TYR A 259 -14.95 -7.47 -9.30
CA TYR A 259 -15.95 -6.74 -8.48
C TYR A 259 -17.31 -7.41 -8.64
N GLN A 260 -17.59 -8.00 -9.79
CA GLN A 260 -18.87 -8.71 -10.05
C GLN A 260 -18.90 -10.00 -9.21
N LEU A 261 -17.74 -10.63 -9.04
CA LEU A 261 -17.57 -12.00 -8.48
C LEU A 261 -17.59 -11.99 -6.94
N SER A 262 -18.12 -13.05 -6.36
CA SER A 262 -17.99 -13.38 -4.93
C SER A 262 -16.53 -13.77 -4.65
N ASN A 263 -16.14 -13.84 -3.37
CA ASN A 263 -14.78 -14.28 -2.97
C ASN A 263 -14.52 -15.68 -3.53
N THR A 264 -15.51 -16.55 -3.44
CA THR A 264 -15.40 -17.96 -3.91
C THR A 264 -15.21 -17.95 -5.42
N GLU A 265 -15.99 -17.13 -6.12
CA GLU A 265 -15.94 -17.04 -7.59
C GLU A 265 -14.55 -16.52 -7.98
N ALA A 266 -14.04 -15.54 -7.24
CA ALA A 266 -12.74 -14.91 -7.54
C ALA A 266 -11.66 -15.97 -7.38
N ILE A 267 -11.78 -16.81 -6.34
CA ILE A 267 -10.78 -17.90 -6.13
C ILE A 267 -10.82 -18.88 -7.31
N ASP A 268 -12.01 -19.23 -7.81
CA ASP A 268 -12.13 -20.14 -8.99
C ASP A 268 -11.35 -19.53 -10.16
N CYS A 269 -11.58 -18.25 -10.47
CA CYS A 269 -10.92 -17.57 -11.62
C CYS A 269 -9.41 -17.67 -11.49
N ILE A 270 -8.84 -17.16 -10.40
CA ILE A 270 -7.37 -17.16 -10.18
C ILE A 270 -6.88 -18.60 -10.38
N THR A 271 -7.56 -19.58 -9.77
CA THR A 271 -7.07 -20.99 -9.74
C THR A 271 -7.22 -21.62 -11.12
N GLN A 272 -8.24 -21.22 -11.89
CA GLN A 272 -8.51 -21.76 -13.25
C GLN A 272 -7.73 -21.02 -14.35
N GLY A 273 -6.95 -19.98 -14.04
CA GLY A 273 -6.10 -19.26 -15.03
C GLY A 273 -6.79 -18.10 -15.73
N ARG A 274 -8.05 -17.81 -15.41
CA ARG A 274 -8.79 -16.61 -15.87
C ARG A 274 -8.02 -15.37 -15.42
N GLU A 275 -7.89 -14.39 -16.31
CA GLU A 275 -7.08 -13.18 -16.09
C GLU A 275 -8.03 -11.98 -16.05
N LEU A 276 -7.69 -10.95 -15.27
CA LEU A 276 -8.40 -9.66 -15.30
C LEU A 276 -8.25 -9.06 -16.70
N GLU A 277 -9.31 -8.44 -17.23
CA GLU A 277 -9.36 -7.82 -18.58
C GLU A 277 -8.58 -6.52 -18.55
N ARG A 278 -8.10 -6.06 -19.70
CA ARG A 278 -7.37 -4.76 -19.80
C ARG A 278 -8.35 -3.66 -19.44
N PRO A 279 -7.99 -2.72 -18.54
CA PRO A 279 -8.83 -1.55 -18.32
C PRO A 279 -8.84 -0.62 -19.55
N ARG A 280 -9.98 0.01 -19.77
CA ARG A 280 -10.17 1.06 -20.81
C ARG A 280 -9.01 2.07 -20.80
N ALA A 281 -8.47 2.48 -19.67
CA ALA A 281 -7.43 3.54 -19.57
C ALA A 281 -6.00 2.97 -19.77
N CYS A 282 -5.87 1.67 -19.99
CA CYS A 282 -4.58 0.95 -19.84
C CYS A 282 -3.97 0.71 -21.21
N PRO A 283 -2.82 1.35 -21.55
CA PRO A 283 -2.13 1.05 -22.80
C PRO A 283 -1.69 -0.41 -22.83
N PRO A 284 -1.74 -1.08 -23.99
CA PRO A 284 -1.33 -2.48 -24.11
C PRO A 284 0.10 -2.77 -23.64
N GLU A 285 1.00 -1.79 -23.60
CA GLU A 285 2.38 -2.07 -23.11
C GLU A 285 2.29 -2.23 -21.60
N VAL A 286 1.50 -1.40 -20.91
CA VAL A 286 1.18 -1.58 -19.46
C VAL A 286 0.44 -2.91 -19.25
N TYR A 287 -0.60 -3.23 -20.03
CA TYR A 287 -1.29 -4.54 -19.90
C TYR A 287 -0.29 -5.69 -20.03
N ALA A 288 0.73 -5.55 -20.88
CA ALA A 288 1.72 -6.63 -21.12
C ALA A 288 2.52 -6.82 -19.84
N ILE A 289 2.80 -5.73 -19.13
CA ILE A 289 3.57 -5.79 -17.85
C ILE A 289 2.77 -6.58 -16.78
N MET A 290 1.46 -6.30 -16.73
CA MET A 290 0.51 -7.01 -15.85
C MET A 290 0.60 -8.50 -16.17
N ARG A 291 0.63 -8.87 -17.46
CA ARG A 291 0.58 -10.30 -17.87
C ARG A 291 1.94 -10.97 -17.55
N GLY A 292 3.04 -10.23 -17.63
CA GLY A 292 4.35 -10.69 -17.14
C GLY A 292 4.29 -11.00 -15.64
N CYS A 293 3.47 -10.25 -14.89
CA CYS A 293 3.29 -10.41 -13.43
C CYS A 293 2.40 -11.63 -13.15
N TRP A 294 1.46 -11.95 -14.03
CA TRP A 294 0.43 -13.00 -13.81
C TRP A 294 0.77 -14.33 -14.48
N GLN A 295 2.05 -14.61 -14.75
CA GLN A 295 2.46 -15.96 -15.20
C GLN A 295 2.14 -16.94 -14.06
N ARG A 296 1.42 -18.02 -14.38
CA ARG A 296 1.09 -19.15 -13.47
C ARG A 296 2.33 -19.59 -12.70
N GLU A 297 3.51 -19.60 -13.33
CA GLU A 297 4.74 -20.16 -12.73
C GLU A 297 5.51 -19.02 -12.08
N PRO A 298 5.68 -19.04 -10.75
CA PRO A 298 6.46 -18.00 -10.06
C PRO A 298 7.82 -17.70 -10.72
N GLN A 299 8.56 -18.71 -11.18
CA GLN A 299 9.92 -18.51 -11.77
C GLN A 299 9.81 -17.92 -13.18
N GLN A 300 8.65 -18.07 -13.83
CA GLN A 300 8.40 -17.50 -15.18
C GLN A 300 7.94 -16.04 -15.09
N ARG A 301 7.69 -15.50 -13.89
CA ARG A 301 7.22 -14.09 -13.75
C ARG A 301 8.41 -13.16 -13.96
N HIS A 302 8.14 -12.01 -14.57
CA HIS A 302 9.13 -10.92 -14.69
C HIS A 302 9.63 -10.54 -13.30
N SER A 303 10.92 -10.28 -13.17
CA SER A 303 11.55 -9.74 -11.95
C SER A 303 10.91 -8.38 -11.64
N ILE A 304 11.05 -7.91 -10.41
CA ILE A 304 10.43 -6.62 -9.98
C ILE A 304 11.29 -5.48 -10.56
N LYS A 305 12.60 -5.69 -10.72
CA LYS A 305 13.53 -4.71 -11.36
C LYS A 305 13.09 -4.39 -12.79
N ASP A 306 12.84 -5.43 -13.57
CA ASP A 306 12.48 -5.35 -15.02
C ASP A 306 11.15 -4.61 -15.12
N VAL A 307 10.21 -4.93 -14.25
CA VAL A 307 8.85 -4.33 -14.21
C VAL A 307 9.03 -2.83 -13.90
N HIS A 308 9.91 -2.48 -12.97
CA HIS A 308 10.16 -1.09 -12.53
C HIS A 308 10.77 -0.28 -13.69
N ALA A 309 11.83 -0.82 -14.29
CA ALA A 309 12.50 -0.25 -15.48
C ALA A 309 11.49 -0.05 -16.60
N ARG A 310 10.66 -1.04 -16.95
CA ARG A 310 9.69 -0.87 -18.08
C ARG A 310 8.75 0.31 -17.76
N LEU A 311 8.35 0.46 -16.48
CA LEU A 311 7.36 1.49 -16.08
C LEU A 311 8.05 2.85 -16.04
N GLN A 312 9.25 2.96 -15.45
CA GLN A 312 10.04 4.20 -15.51
C GLN A 312 10.10 4.71 -16.96
N ALA A 313 10.52 3.84 -17.90
CA ALA A 313 10.67 4.13 -19.34
C ALA A 313 9.32 4.58 -19.92
N LEU A 314 8.26 3.82 -19.68
CA LEU A 314 6.88 4.22 -20.09
C LEU A 314 6.47 5.56 -19.45
N ALA A 315 6.89 5.85 -18.21
CA ALA A 315 6.53 7.09 -17.47
C ALA A 315 7.28 8.29 -18.07
N GLN A 316 8.54 8.10 -18.45
CA GLN A 316 9.39 9.15 -19.06
C GLN A 316 8.83 9.49 -20.47
N ALA A 317 8.31 8.51 -21.21
CA ALA A 317 7.80 8.68 -22.58
C ALA A 317 6.43 8.02 -22.73
N PRO A 318 5.38 8.58 -22.11
CA PRO A 318 4.08 7.92 -22.07
C PRO A 318 3.53 7.58 -23.45
N PRO A 319 3.20 6.31 -23.75
CA PRO A 319 2.63 5.95 -25.04
C PRO A 319 1.42 6.86 -25.32
N VAL A 320 1.18 7.19 -26.59
CA VAL A 320 -0.18 7.67 -26.98
C VAL A 320 -1.06 6.46 -26.74
N TYR A 321 -1.93 6.50 -25.74
CA TYR A 321 -2.87 5.39 -25.49
C TYR A 321 -3.94 5.45 -26.60
N LEU A 322 -3.55 4.85 -27.73
CA LEU A 322 -4.39 4.30 -28.84
C LEU A 322 -5.78 4.94 -28.86
N ASP A 323 -6.76 4.22 -29.39
CA ASP A 323 -8.19 4.62 -29.39
C ASP A 323 -8.91 3.77 -28.33
N VAL A 324 -9.92 4.36 -27.71
CA VAL A 324 -10.98 3.62 -26.97
C VAL A 324 -12.04 3.26 -28.03
N LEU A 325 -11.74 2.24 -28.83
CA LEU A 325 -12.56 1.69 -29.94
C LEU A 325 -11.81 0.52 -30.57
#